data_3FVZ
#
_entry.id   3FVZ
#
_cell.length_a   52.176
_cell.length_b   75.056
_cell.length_c   97.474
_cell.angle_alpha   90.00
_cell.angle_beta   90.00
_cell.angle_gamma   90.00
#
_symmetry.space_group_name_H-M   'P 21 21 21'
#
loop_
_entity.id
_entity.type
_entity.pdbx_description
1 polymer 'Peptidyl-glycine alpha-amidating monooxygenase'
2 non-polymer 'ZINC ION'
3 non-polymer 'FE (III) ION'
4 non-polymer 'CALCIUM ION'
5 non-polymer 'ACETATE ION'
6 non-polymer GLYCEROL
7 water water
#
_entity_poly.entity_id   1
_entity_poly.type   'polypeptide(L)'
_entity_poly.pdbx_seq_one_letter_code
;HHHHHHDFHVEEELDWPGVYLLPGQVSGVALDSKNNLVIFHRGDHVWDGNSFDSKFVYQQRGLGPIEEDTILVIDPNNAE
ILQSSGKNLFYLPHGLSIDTDGNYWVTDVALHQVFKLDPHSKEGPLLILGRSMQPGSDQNHFCQPTDVAVEPSTGAVFVS
DGYCNSRIVQFSPSGKFVTQWGEESSGSSPRPGQFSVPHSLALVPHLDQLCVADRENGRIQCFKTDTKEFVREIKHASFG
RNVFAISYIPGFLFAVNGKPYFGDQEPVQGFVMNFSSGEIIDVFKPVRKHFDMPHDIVASEDGTVYIGDAHTNTVWKFTL
TEKMEHRSV
;
_entity_poly.pdbx_strand_id   A
#
# COMPACT_ATOMS: atom_id res chain seq x y z
N HIS A 1 -2.60 -3.14 -29.32
CA HIS A 1 -2.70 -4.46 -29.99
C HIS A 1 -2.56 -4.40 -31.52
N HIS A 2 -2.12 -3.25 -32.03
CA HIS A 2 -1.84 -3.11 -33.46
C HIS A 2 -0.43 -3.60 -33.80
N HIS A 3 0.51 -3.27 -32.91
CA HIS A 3 1.80 -3.93 -32.86
C HIS A 3 1.71 -5.10 -31.88
N HIS A 4 2.58 -6.08 -32.08
CA HIS A 4 2.63 -7.34 -31.30
C HIS A 4 2.10 -7.36 -29.85
N HIS A 5 2.45 -6.32 -29.09
N HIS A 5 2.46 -6.37 -29.04
CA HIS A 5 2.15 -6.17 -27.65
CA HIS A 5 2.13 -6.44 -27.61
C HIS A 5 0.98 -5.24 -27.33
C HIS A 5 0.94 -5.59 -27.17
N HIS A 6 1.24 -4.39 -26.34
N HIS A 6 1.20 -4.32 -26.88
CA HIS A 6 0.23 -3.51 -25.74
CA HIS A 6 0.23 -3.50 -26.19
C HIS A 6 0.68 -2.04 -25.75
C HIS A 6 0.68 -2.05 -26.00
N ASP A 7 -0.28 -1.13 -25.89
CA ASP A 7 -0.01 0.32 -26.06
C ASP A 7 0.09 1.21 -24.83
N PHE A 8 -0.32 0.72 -23.66
CA PHE A 8 -0.13 1.47 -22.42
C PHE A 8 1.22 1.12 -21.79
N HIS A 9 1.91 2.15 -21.31
N HIS A 9 1.94 2.14 -21.34
CA HIS A 9 3.20 2.01 -20.66
CA HIS A 9 3.23 1.96 -20.67
C HIS A 9 3.34 3.04 -19.55
C HIS A 9 3.49 3.04 -19.62
N VAL A 10 3.93 2.62 -18.45
CA VAL A 10 4.24 3.52 -17.33
C VAL A 10 5.74 3.78 -17.33
N GLU A 11 6.11 5.05 -17.17
N GLU A 11 6.13 5.05 -17.27
CA GLU A 11 7.46 5.57 -17.35
CA GLU A 11 7.52 5.47 -17.29
C GLU A 11 7.76 6.56 -16.22
C GLU A 11 7.76 6.51 -16.21
N GLU A 12 8.96 6.51 -15.63
CA GLU A 12 9.34 7.46 -14.58
C GLU A 12 9.33 8.90 -15.11
N GLU A 13 8.73 9.81 -14.35
N GLU A 13 8.76 9.81 -14.34
CA GLU A 13 8.82 11.23 -14.64
CA GLU A 13 8.81 11.24 -14.61
C GLU A 13 10.15 11.74 -14.09
C GLU A 13 10.15 11.78 -14.09
N LEU A 14 11.10 11.96 -15.00
CA LEU A 14 12.47 12.34 -14.62
C LEU A 14 12.66 13.78 -14.14
N ASP A 15 11.73 14.67 -14.48
CA ASP A 15 11.83 16.06 -13.99
C ASP A 15 11.27 16.24 -12.57
N TRP A 16 10.80 15.16 -11.95
CA TRP A 16 10.32 15.19 -10.56
C TRP A 16 11.45 14.95 -9.56
N PRO A 17 11.82 15.99 -8.79
CA PRO A 17 12.98 15.93 -7.89
C PRO A 17 12.79 15.18 -6.57
N GLY A 18 11.66 14.52 -6.38
CA GLY A 18 11.35 13.85 -5.10
C GLY A 18 12.21 12.63 -4.83
N VAL A 19 12.85 12.14 -5.89
CA VAL A 19 13.81 11.04 -5.82
C VAL A 19 15.06 11.39 -4.98
N TYR A 20 15.29 12.70 -4.77
CA TYR A 20 16.45 13.17 -4.02
C TYR A 20 16.20 13.32 -2.50
N LEU A 21 14.95 13.14 -2.09
CA LEU A 21 14.58 13.09 -0.68
C LEU A 21 15.29 11.94 0.03
N LEU A 22 15.67 12.16 1.29
CA LEU A 22 16.29 11.13 2.11
C LEU A 22 15.46 10.76 3.37
N PRO A 23 14.32 10.07 3.19
CA PRO A 23 13.52 9.72 4.35
C PRO A 23 14.02 8.40 4.95
N GLY A 24 13.34 7.92 5.98
CA GLY A 24 13.58 6.56 6.43
C GLY A 24 12.92 5.58 5.48
N GLN A 25 12.68 4.36 5.96
CA GLN A 25 11.94 3.38 5.17
C GLN A 25 10.56 3.98 4.83
N VAL A 26 10.21 4.01 3.55
CA VAL A 26 8.92 4.54 3.12
C VAL A 26 7.92 3.41 3.09
N SER A 27 6.94 3.48 3.98
CA SER A 27 6.00 2.39 4.17
C SER A 27 4.64 2.61 3.50
N GLY A 28 4.19 3.87 3.46
CA GLY A 28 2.90 4.20 2.86
C GLY A 28 2.95 5.43 1.97
N VAL A 29 2.14 5.40 0.92
CA VAL A 29 1.92 6.56 0.02
C VAL A 29 0.42 6.77 -0.18
N ALA A 30 0.03 8.03 -0.39
CA ALA A 30 -1.34 8.39 -0.69
C ALA A 30 -1.39 9.73 -1.44
N LEU A 31 -2.57 10.09 -1.93
CA LEU A 31 -2.80 11.36 -2.60
C LEU A 31 -3.87 12.12 -1.85
N ASP A 32 -3.59 13.37 -1.51
CA ASP A 32 -4.60 14.22 -0.89
C ASP A 32 -5.50 14.86 -1.97
N SER A 33 -6.49 15.64 -1.56
CA SER A 33 -7.51 16.17 -2.47
C SER A 33 -6.98 17.19 -3.49
N LYS A 34 -5.79 17.74 -3.22
CA LYS A 34 -5.12 18.65 -4.16
C LYS A 34 -4.17 17.89 -5.08
N ASN A 35 -4.18 16.55 -4.99
CA ASN A 35 -3.29 15.67 -5.75
C ASN A 35 -1.81 15.71 -5.32
N ASN A 36 -1.55 16.28 -4.14
CA ASN A 36 -0.22 16.20 -3.52
C ASN A 36 0.08 14.77 -3.11
N LEU A 37 1.34 14.38 -3.20
CA LEU A 37 1.79 13.11 -2.65
C LEU A 37 1.90 13.23 -1.12
N VAL A 38 1.44 12.21 -0.41
CA VAL A 38 1.63 12.14 1.03
C VAL A 38 2.37 10.84 1.29
N ILE A 39 3.46 10.89 2.06
CA ILE A 39 4.19 9.69 2.43
C ILE A 39 4.28 9.49 3.94
N PHE A 40 4.52 8.24 4.32
CA PHE A 40 4.61 7.82 5.70
C PHE A 40 5.92 7.07 5.74
N HIS A 41 6.87 7.56 6.54
CA HIS A 41 8.19 6.96 6.62
C HIS A 41 8.61 6.69 8.07
N ARG A 42 9.70 5.94 8.24
CA ARG A 42 10.08 5.41 9.55
C ARG A 42 11.25 6.13 10.22
N GLY A 43 11.72 7.23 9.64
CA GLY A 43 12.85 7.97 10.20
C GLY A 43 14.06 7.08 10.39
N ASP A 44 14.64 7.08 11.61
CA ASP A 44 15.79 6.24 11.89
C ASP A 44 15.43 4.84 12.43
N HIS A 45 14.12 4.57 12.56
CA HIS A 45 13.61 3.26 12.96
C HIS A 45 13.58 2.28 11.79
N VAL A 46 13.97 1.04 12.06
CA VAL A 46 14.07 -0.01 11.05
C VAL A 46 13.35 -1.26 11.56
N TRP A 47 12.68 -1.99 10.67
CA TRP A 47 12.10 -3.27 11.01
C TRP A 47 13.11 -4.38 10.71
N ASP A 48 13.70 -4.95 11.76
CA ASP A 48 14.67 -6.04 11.61
C ASP A 48 14.37 -7.24 12.51
N GLY A 49 15.37 -8.10 12.72
CA GLY A 49 15.20 -9.31 13.53
C GLY A 49 15.06 -9.09 15.03
N ASN A 50 15.42 -7.89 15.49
CA ASN A 50 15.39 -7.56 16.91
C ASN A 50 14.29 -6.59 17.30
N SER A 51 13.37 -6.33 16.35
CA SER A 51 12.21 -5.47 16.55
C SER A 51 11.12 -6.17 17.36
N PHE A 52 10.89 -7.45 17.07
CA PHE A 52 9.85 -8.24 17.72
C PHE A 52 10.41 -9.57 18.20
N ASP A 53 9.82 -10.12 19.26
CA ASP A 53 10.15 -11.46 19.72
C ASP A 53 9.21 -12.49 19.08
N SER A 54 9.21 -13.71 19.62
CA SER A 54 8.42 -14.82 19.09
C SER A 54 6.91 -14.63 19.19
N LYS A 55 6.48 -13.81 20.15
CA LYS A 55 5.05 -13.55 20.39
C LYS A 55 4.57 -12.20 19.82
N PHE A 56 5.35 -11.66 18.88
CA PHE A 56 5.01 -10.44 18.12
C PHE A 56 4.88 -9.16 18.95
N VAL A 57 5.49 -9.16 20.14
CA VAL A 57 5.53 -7.96 20.98
C VAL A 57 6.85 -7.18 20.75
N TYR A 58 6.72 -5.88 20.57
CA TYR A 58 7.81 -4.98 20.17
C TYR A 58 8.87 -4.85 21.26
N GLN A 59 10.14 -4.91 20.84
CA GLN A 59 11.27 -5.01 21.75
C GLN A 59 11.93 -3.68 22.13
N GLN A 60 11.72 -2.65 21.31
CA GLN A 60 12.48 -1.40 21.46
C GLN A 60 11.68 -0.19 21.92
N ARG A 61 10.78 -0.39 22.87
N ARG A 61 10.78 -0.40 22.87
CA ARG A 61 9.95 0.68 23.42
CA ARG A 61 9.95 0.65 23.45
C ARG A 61 10.79 1.78 24.08
C ARG A 61 10.80 1.77 24.06
N GLY A 62 11.83 1.38 24.81
CA GLY A 62 12.72 2.30 25.52
C GLY A 62 13.53 3.28 24.66
N LEU A 63 13.66 2.98 23.37
CA LEU A 63 14.30 3.88 22.41
C LEU A 63 13.40 5.07 22.07
N GLY A 64 12.14 5.00 22.52
CA GLY A 64 11.17 6.06 22.28
C GLY A 64 10.57 6.03 20.89
N PRO A 65 9.56 6.89 20.65
CA PRO A 65 8.94 7.02 19.34
C PRO A 65 9.83 7.77 18.36
N ILE A 66 9.52 7.67 17.08
CA ILE A 66 10.23 8.42 16.05
C ILE A 66 10.10 9.92 16.33
N GLU A 67 11.24 10.58 16.52
CA GLU A 67 11.26 11.97 16.96
C GLU A 67 10.96 12.96 15.83
N GLU A 68 11.34 12.60 14.61
CA GLU A 68 11.12 13.47 13.45
C GLU A 68 9.73 13.25 12.85
N ASP A 69 9.27 14.26 12.11
CA ASP A 69 8.00 14.17 11.37
C ASP A 69 8.03 12.99 10.41
N THR A 70 6.91 12.28 10.41
CA THR A 70 6.85 10.95 9.85
C THR A 70 5.91 10.92 8.64
N ILE A 71 5.13 11.99 8.52
CA ILE A 71 4.17 12.14 7.43
C ILE A 71 4.51 13.44 6.73
N LEU A 72 4.73 13.37 5.42
CA LEU A 72 5.12 14.53 4.62
C LEU A 72 4.20 14.67 3.42
N VAL A 73 3.71 15.88 3.19
CA VAL A 73 3.03 16.19 1.94
C VAL A 73 3.99 16.86 0.95
N ILE A 74 3.99 16.34 -0.27
CA ILE A 74 5.04 16.63 -1.23
C ILE A 74 4.39 17.11 -2.52
N ASP A 75 4.85 18.27 -2.98
CA ASP A 75 4.38 18.88 -4.22
C ASP A 75 4.57 17.93 -5.41
N PRO A 76 3.52 17.78 -6.26
CA PRO A 76 3.58 16.84 -7.39
C PRO A 76 4.48 17.29 -8.54
N ASN A 77 4.89 18.56 -8.53
CA ASN A 77 5.68 19.14 -9.61
C ASN A 77 7.15 19.38 -9.27
N ASN A 78 7.39 20.19 -8.23
CA ASN A 78 8.75 20.52 -7.80
C ASN A 78 9.25 19.68 -6.61
N ALA A 79 8.37 18.82 -6.09
CA ALA A 79 8.67 17.86 -5.02
C ALA A 79 9.06 18.47 -3.67
N GLU A 80 8.77 19.75 -3.51
CA GLU A 80 9.05 20.42 -2.27
C GLU A 80 8.10 19.89 -1.18
N ILE A 81 8.60 19.83 0.05
CA ILE A 81 7.79 19.40 1.21
C ILE A 81 6.88 20.54 1.64
N LEU A 82 5.58 20.33 1.48
CA LEU A 82 4.58 21.39 1.74
C LEU A 82 4.17 21.47 3.21
N GLN A 83 4.09 20.31 3.87
CA GLN A 83 3.84 20.24 5.30
C GLN A 83 4.33 18.91 5.86
N SER A 84 4.50 18.87 7.18
CA SER A 84 4.92 17.65 7.85
C SER A 84 4.30 17.49 9.23
N SER A 85 4.06 16.23 9.62
CA SER A 85 3.55 15.90 10.95
C SER A 85 3.92 14.45 11.32
N GLY A 86 3.43 13.99 12.47
CA GLY A 86 3.63 12.60 12.90
C GLY A 86 4.83 12.45 13.81
N LYS A 87 5.21 13.56 14.44
CA LYS A 87 6.33 13.64 15.35
C LYS A 87 5.94 12.99 16.69
N ASN A 88 6.84 12.17 17.23
CA ASN A 88 6.72 11.62 18.59
C ASN A 88 5.51 10.72 18.83
N LEU A 89 5.08 10.02 17.77
CA LEU A 89 3.88 9.19 17.83
C LEU A 89 4.14 7.72 17.53
N PHE A 90 5.00 7.47 16.55
CA PHE A 90 5.08 6.14 15.94
C PHE A 90 6.38 5.39 16.17
N TYR A 91 6.31 4.07 16.03
CA TYR A 91 7.43 3.19 16.29
C TYR A 91 7.85 2.42 15.04
N LEU A 92 6.89 1.77 14.40
CA LEU A 92 7.13 1.15 13.10
C LEU A 92 5.97 1.42 12.13
N PRO A 93 5.91 2.66 11.58
CA PRO A 93 4.93 3.02 10.56
C PRO A 93 4.72 1.96 9.50
N HIS A 94 3.46 1.75 9.12
CA HIS A 94 3.12 0.91 7.98
C HIS A 94 2.17 1.63 7.02
N GLY A 95 0.89 1.26 7.01
CA GLY A 95 -0.08 1.82 6.07
C GLY A 95 -0.35 3.31 6.20
N LEU A 96 -0.62 3.95 5.06
CA LEU A 96 -1.17 5.31 5.00
C LEU A 96 -2.23 5.35 3.90
N SER A 97 -3.40 5.86 4.25
CA SER A 97 -4.43 6.18 3.27
C SER A 97 -5.13 7.46 3.70
N ILE A 98 -5.92 8.03 2.80
CA ILE A 98 -6.59 9.28 3.06
C ILE A 98 -8.06 9.12 2.70
N ASP A 99 -8.94 9.50 3.64
CA ASP A 99 -10.38 9.39 3.40
C ASP A 99 -10.89 10.58 2.58
N THR A 100 -12.18 10.58 2.30
CA THR A 100 -12.81 11.56 1.42
C THR A 100 -12.87 12.98 2.03
N ASP A 101 -12.75 13.06 3.35
CA ASP A 101 -12.70 14.33 4.06
C ASP A 101 -11.29 14.91 4.14
N GLY A 102 -10.30 14.10 3.77
CA GLY A 102 -8.91 14.53 3.82
C GLY A 102 -8.19 14.11 5.09
N ASN A 103 -8.82 13.24 5.89
CA ASN A 103 -8.18 12.73 7.11
C ASN A 103 -7.19 11.63 6.77
N TYR A 104 -6.09 11.59 7.52
CA TYR A 104 -5.08 10.54 7.34
C TYR A 104 -5.46 9.30 8.13
N TRP A 105 -5.26 8.13 7.53
CA TRP A 105 -5.45 6.86 8.22
C TRP A 105 -4.17 6.07 8.13
N VAL A 106 -3.65 5.70 9.30
CA VAL A 106 -2.30 5.20 9.42
C VAL A 106 -2.27 3.93 10.26
N THR A 107 -1.35 3.02 9.98
CA THR A 107 -1.15 1.84 10.85
C THR A 107 0.28 1.76 11.38
N ASP A 108 0.42 1.20 12.57
CA ASP A 108 1.72 0.96 13.17
C ASP A 108 1.85 -0.50 13.57
N VAL A 109 2.89 -1.15 13.07
CA VAL A 109 3.10 -2.58 13.24
C VAL A 109 3.72 -2.92 14.62
N ALA A 110 4.37 -1.94 15.24
CA ALA A 110 4.93 -2.09 16.59
C ALA A 110 3.87 -1.80 17.65
N LEU A 111 3.14 -0.70 17.48
CA LEU A 111 2.05 -0.34 18.39
C LEU A 111 0.85 -1.29 18.28
N HIS A 112 0.71 -1.95 17.13
CA HIS A 112 -0.46 -2.78 16.80
C HIS A 112 -1.73 -1.95 16.79
N GLN A 113 -1.63 -0.76 16.20
CA GLN A 113 -2.70 0.24 16.24
C GLN A 113 -2.96 0.93 14.90
N VAL A 114 -4.12 1.58 14.83
CA VAL A 114 -4.58 2.32 13.64
C VAL A 114 -5.02 3.71 14.10
N PHE A 115 -4.53 4.74 13.41
CA PHE A 115 -4.76 6.12 13.82
C PHE A 115 -5.55 6.87 12.76
N LYS A 116 -6.53 7.66 13.20
CA LYS A 116 -7.16 8.65 12.36
C LYS A 116 -6.62 10.01 12.79
N LEU A 117 -6.08 10.76 11.83
CA LEU A 117 -5.48 12.06 12.11
C LEU A 117 -6.08 13.14 11.23
N ASP A 118 -6.45 14.25 11.86
CA ASP A 118 -6.81 15.48 11.17
C ASP A 118 -5.49 16.16 10.77
N PRO A 119 -5.24 16.31 9.46
CA PRO A 119 -3.97 16.92 9.00
C PRO A 119 -3.78 18.37 9.45
N HIS A 120 -4.88 19.07 9.72
CA HIS A 120 -4.82 20.48 10.14
C HIS A 120 -5.11 20.70 11.63
N SER A 121 -4.74 19.72 12.46
CA SER A 121 -4.97 19.81 13.90
C SER A 121 -3.69 19.79 14.71
N LYS A 122 -3.73 20.46 15.87
CA LYS A 122 -2.57 20.53 16.76
C LYS A 122 -2.82 19.80 18.09
N GLU A 123 -3.82 18.91 18.10
CA GLU A 123 -4.29 18.29 19.35
C GLU A 123 -4.41 16.76 19.31
N GLY A 124 -3.57 16.11 18.50
CA GLY A 124 -3.50 14.64 18.53
C GLY A 124 -4.64 13.91 17.83
N PRO A 125 -4.48 12.60 17.62
CA PRO A 125 -5.36 11.73 16.84
C PRO A 125 -6.84 11.89 17.15
N LEU A 126 -7.69 11.77 16.13
CA LEU A 126 -9.14 11.79 16.30
C LEU A 126 -9.64 10.45 16.82
N LEU A 127 -8.94 9.38 16.44
CA LEU A 127 -9.30 8.01 16.81
C LEU A 127 -8.06 7.14 16.90
N ILE A 128 -8.04 6.25 17.88
CA ILE A 128 -7.03 5.20 17.97
C ILE A 128 -7.71 3.84 18.17
N LEU A 129 -7.41 2.92 17.27
CA LEU A 129 -7.94 1.55 17.30
C LEU A 129 -6.84 0.58 17.69
N GLY A 130 -7.20 -0.45 18.45
CA GLY A 130 -6.23 -1.42 18.94
C GLY A 130 -5.58 -1.00 20.24
N ARG A 131 -4.83 -1.92 20.86
CA ARG A 131 -4.19 -1.67 22.14
C ARG A 131 -2.67 -1.50 22.02
N SER A 132 -2.16 -0.42 22.60
CA SER A 132 -0.75 -0.01 22.50
C SER A 132 0.23 -1.14 22.82
N MET A 133 1.02 -1.50 21.81
CA MET A 133 2.07 -2.54 21.91
C MET A 133 1.53 -3.95 22.19
N GLN A 134 0.20 -4.09 22.22
CA GLN A 134 -0.44 -5.35 22.63
C GLN A 134 -1.04 -6.11 21.45
N PRO A 135 -0.35 -7.17 20.98
CA PRO A 135 -0.85 -7.94 19.83
C PRO A 135 -1.94 -8.94 20.22
N GLY A 136 -2.96 -9.08 19.37
CA GLY A 136 -4.07 -9.98 19.63
C GLY A 136 -4.88 -10.32 18.40
N SER A 137 -6.06 -10.90 18.61
CA SER A 137 -6.86 -11.44 17.51
C SER A 137 -8.37 -11.32 17.71
N ASP A 138 -8.79 -10.62 18.77
CA ASP A 138 -10.21 -10.38 19.00
C ASP A 138 -10.67 -9.05 18.38
N GLN A 139 -11.83 -8.54 18.82
CA GLN A 139 -12.45 -7.37 18.22
C GLN A 139 -11.75 -6.05 18.53
N ASN A 140 -10.85 -6.07 19.50
CA ASN A 140 -10.22 -4.84 19.96
C ASN A 140 -8.70 -4.87 19.92
N HIS A 141 -8.16 -5.92 19.31
CA HIS A 141 -6.71 -6.06 19.09
C HIS A 141 -6.39 -6.21 17.60
N PHE A 142 -5.19 -5.77 17.23
CA PHE A 142 -4.61 -6.10 15.93
C PHE A 142 -3.33 -6.91 16.14
N CYS A 143 -2.81 -7.51 15.08
CA CYS A 143 -1.51 -8.15 15.11
C CYS A 143 -0.73 -7.68 13.89
N GLN A 144 0.08 -6.64 14.10
CA GLN A 144 0.85 -5.99 13.06
C GLN A 144 -0.04 -5.59 11.88
N PRO A 145 -0.98 -4.65 12.11
CA PRO A 145 -1.93 -4.21 11.09
C PRO A 145 -1.22 -3.49 9.95
N THR A 146 -1.68 -3.72 8.73
CA THR A 146 -0.93 -3.37 7.53
C THR A 146 -1.48 -2.17 6.73
N ASP A 147 -2.80 -2.07 6.59
CA ASP A 147 -3.42 -0.99 5.80
C ASP A 147 -4.84 -0.65 6.23
N VAL A 148 -5.34 0.49 5.75
CA VAL A 148 -6.69 0.98 6.05
C VAL A 148 -7.33 1.58 4.79
N ALA A 149 -8.58 1.22 4.54
CA ALA A 149 -9.40 1.85 3.48
C ALA A 149 -10.74 2.30 4.04
N VAL A 150 -11.14 3.53 3.72
CA VAL A 150 -12.34 4.13 4.28
C VAL A 150 -13.33 4.46 3.15
N GLU A 151 -14.50 3.83 3.20
CA GLU A 151 -15.50 3.95 2.13
C GLU A 151 -16.18 5.32 2.14
N PRO A 152 -16.07 6.08 1.03
CA PRO A 152 -16.61 7.44 0.98
C PRO A 152 -18.14 7.51 1.12
N SER A 153 -18.84 6.49 0.62
CA SER A 153 -20.31 6.44 0.66
C SER A 153 -20.88 6.09 2.04
N THR A 154 -20.20 5.21 2.77
CA THR A 154 -20.69 4.77 4.08
C THR A 154 -19.89 5.37 5.24
N GLY A 155 -18.58 5.56 5.03
CA GLY A 155 -17.67 5.98 6.09
C GLY A 155 -17.08 4.77 6.79
N ALA A 156 -17.38 3.59 6.26
CA ALA A 156 -16.92 2.31 6.83
C ALA A 156 -15.40 2.18 6.77
N VAL A 157 -14.82 1.85 7.91
CA VAL A 157 -13.37 1.78 8.06
C VAL A 157 -12.92 0.33 7.95
N PHE A 158 -12.14 0.04 6.92
CA PHE A 158 -11.60 -1.31 6.75
C PHE A 158 -10.14 -1.34 7.12
N VAL A 159 -9.76 -2.28 7.98
CA VAL A 159 -8.36 -2.46 8.36
C VAL A 159 -7.90 -3.86 7.97
N SER A 160 -6.82 -3.93 7.18
CA SER A 160 -6.21 -5.22 6.88
C SER A 160 -5.29 -5.59 8.03
N ASP A 161 -5.67 -6.63 8.77
CA ASP A 161 -5.01 -6.97 10.00
C ASP A 161 -4.32 -8.30 9.83
N GLY A 162 -3.03 -8.24 9.48
CA GLY A 162 -2.30 -9.48 9.31
C GLY A 162 -0.91 -9.48 8.75
N TYR A 163 0.08 -9.29 9.61
CA TYR A 163 1.38 -9.92 9.41
C TYR A 163 1.41 -11.20 10.24
N CYS A 164 0.58 -11.23 11.28
CA CYS A 164 0.41 -12.42 12.12
C CYS A 164 -1.05 -12.87 12.21
N ASN A 165 -1.99 -11.98 11.85
CA ASN A 165 -3.40 -12.33 11.68
C ASN A 165 -3.72 -12.59 10.19
N SER A 166 -4.94 -13.03 9.92
CA SER A 166 -5.38 -13.25 8.55
C SER A 166 -6.83 -12.80 8.40
N ARG A 167 -7.06 -11.50 8.52
CA ARG A 167 -8.42 -10.97 8.50
C ARG A 167 -8.48 -9.56 7.93
N ILE A 168 -9.70 -9.14 7.58
CA ILE A 168 -10.00 -7.73 7.34
C ILE A 168 -11.11 -7.36 8.32
N VAL A 169 -10.96 -6.23 9.00
CA VAL A 169 -11.91 -5.85 10.03
C VAL A 169 -12.66 -4.59 9.61
N GLN A 170 -13.99 -4.63 9.73
CA GLN A 170 -14.81 -3.44 9.49
C GLN A 170 -15.10 -2.70 10.80
N PHE A 171 -14.92 -1.39 10.78
CA PHE A 171 -15.27 -0.53 11.92
C PHE A 171 -16.25 0.55 11.46
N SER A 172 -17.08 1.00 12.40
CA SER A 172 -17.95 2.17 12.17
C SER A 172 -17.11 3.44 12.15
N PRO A 173 -17.66 4.54 11.61
CA PRO A 173 -16.92 5.82 11.59
C PRO A 173 -16.55 6.33 12.99
N SER A 174 -17.17 5.76 14.02
CA SER A 174 -16.89 6.11 15.41
C SER A 174 -15.97 5.10 16.10
N GLY A 175 -15.37 4.21 15.31
CA GLY A 175 -14.37 3.25 15.80
C GLY A 175 -14.90 1.93 16.34
N LYS A 176 -16.21 1.70 16.19
CA LYS A 176 -16.85 0.50 16.74
C LYS A 176 -16.80 -0.68 15.76
N PHE A 177 -16.39 -1.83 16.28
CA PHE A 177 -16.28 -3.08 15.50
C PHE A 177 -17.63 -3.47 14.90
N VAL A 178 -17.70 -3.54 13.57
CA VAL A 178 -18.92 -3.94 12.89
C VAL A 178 -18.90 -5.43 12.55
N THR A 179 -17.96 -5.84 11.70
CA THR A 179 -17.81 -7.23 11.29
C THR A 179 -16.38 -7.50 10.81
N GLN A 180 -16.09 -8.75 10.45
CA GLN A 180 -14.76 -9.16 10.02
C GLN A 180 -14.87 -10.37 9.11
N TRP A 181 -13.88 -10.58 8.24
CA TRP A 181 -13.82 -11.77 7.40
C TRP A 181 -12.39 -12.19 7.06
N GLY A 182 -12.22 -13.46 6.68
CA GLY A 182 -10.91 -14.00 6.34
C GLY A 182 -10.31 -14.92 7.38
N GLU A 183 -9.43 -15.81 6.92
CA GLU A 183 -8.70 -16.76 7.77
C GLU A 183 -7.38 -17.16 7.11
N GLU A 184 -6.52 -17.89 7.82
CA GLU A 184 -5.22 -18.32 7.29
C GLU A 184 -5.34 -19.25 6.09
N SER A 185 -4.47 -19.07 5.10
CA SER A 185 -4.53 -19.84 3.85
C SER A 185 -4.14 -21.30 4.06
N SER A 186 -5.07 -22.20 3.76
CA SER A 186 -5.03 -23.60 4.19
C SER A 186 -4.01 -24.47 3.45
N GLY A 187 -3.94 -25.74 3.88
CA GLY A 187 -3.06 -26.76 3.29
C GLY A 187 -3.13 -26.89 1.79
N SER A 188 -2.07 -27.43 1.19
CA SER A 188 -1.91 -27.50 -0.26
C SER A 188 -2.10 -26.09 -0.85
N SER A 189 -3.01 -25.94 -1.81
CA SER A 189 -3.30 -24.63 -2.42
C SER A 189 -4.08 -23.70 -1.48
N PRO A 190 -4.00 -22.37 -1.71
CA PRO A 190 -4.77 -21.43 -0.91
C PRO A 190 -6.13 -21.09 -1.54
N ARG A 191 -7.20 -21.29 -0.78
CA ARG A 191 -8.55 -21.10 -1.28
C ARG A 191 -9.11 -19.69 -1.04
N PRO A 192 -10.07 -19.25 -1.88
CA PRO A 192 -10.69 -17.91 -1.81
C PRO A 192 -11.22 -17.53 -0.41
N GLY A 193 -10.90 -16.31 0.03
CA GLY A 193 -11.31 -15.82 1.34
C GLY A 193 -10.29 -16.10 2.43
N GLN A 194 -9.16 -16.68 2.03
CA GLN A 194 -8.07 -16.99 2.96
C GLN A 194 -6.85 -16.12 2.65
N PHE A 195 -6.40 -15.40 3.67
CA PHE A 195 -5.23 -14.56 3.53
C PHE A 195 -4.04 -15.18 4.24
N SER A 196 -2.87 -14.93 3.66
N SER A 196 -2.85 -14.92 3.73
CA SER A 196 -1.59 -15.15 4.30
CA SER A 196 -1.63 -15.31 4.43
C SER A 196 -0.85 -13.82 4.23
C SER A 196 -1.05 -14.09 5.11
N VAL A 197 -1.18 -12.93 5.15
N VAL A 197 -1.08 -12.96 4.40
CA VAL A 197 -0.60 -11.58 5.19
CA VAL A 197 -0.63 -11.68 4.94
C VAL A 197 -1.36 -10.60 4.27
C VAL A 197 -1.37 -10.56 4.20
N PRO A 198 -2.57 -10.20 4.69
CA PRO A 198 -3.31 -9.12 4.01
C PRO A 198 -2.53 -7.83 4.24
N HIS A 199 -1.97 -7.28 3.16
CA HIS A 199 -0.89 -6.30 3.27
C HIS A 199 -1.23 -4.93 2.66
N SER A 200 -2.27 -4.87 1.84
CA SER A 200 -2.61 -3.65 1.11
C SER A 200 -4.07 -3.67 0.68
N LEU A 201 -4.73 -2.53 0.83
CA LEU A 201 -6.14 -2.39 0.45
C LEU A 201 -6.36 -1.27 -0.57
N ALA A 202 -7.21 -1.59 -1.56
CA ALA A 202 -7.71 -0.62 -2.53
C ALA A 202 -9.23 -0.77 -2.68
N LEU A 203 -9.97 0.30 -2.39
CA LEU A 203 -11.41 0.35 -2.60
C LEU A 203 -11.74 0.59 -4.06
N VAL A 204 -12.82 -0.01 -4.54
CA VAL A 204 -13.36 0.23 -5.88
C VAL A 204 -14.76 0.83 -5.70
N PRO A 205 -14.84 2.17 -5.60
CA PRO A 205 -16.01 2.93 -5.14
C PRO A 205 -17.35 2.62 -5.81
N HIS A 206 -17.36 2.53 -7.13
CA HIS A 206 -18.64 2.45 -7.85
C HIS A 206 -19.02 1.04 -8.29
N LEU A 207 -18.17 0.08 -7.96
CA LEU A 207 -18.48 -1.34 -8.11
C LEU A 207 -18.65 -1.96 -6.73
N ASP A 208 -18.63 -1.10 -5.71
CA ASP A 208 -18.73 -1.50 -4.29
C ASP A 208 -17.85 -2.69 -3.92
N GLN A 209 -16.57 -2.60 -4.29
CA GLN A 209 -15.63 -3.68 -4.05
C GLN A 209 -14.46 -3.23 -3.20
N LEU A 210 -13.75 -4.21 -2.64
CA LEU A 210 -12.56 -3.97 -1.84
C LEU A 210 -11.51 -5.00 -2.23
N CYS A 211 -10.34 -4.53 -2.64
CA CYS A 211 -9.25 -5.41 -3.08
C CYS A 211 -8.13 -5.49 -2.06
N VAL A 212 -7.59 -6.70 -1.92
CA VAL A 212 -6.59 -7.01 -0.90
C VAL A 212 -5.37 -7.65 -1.55
N ALA A 213 -4.19 -7.10 -1.27
CA ALA A 213 -2.94 -7.73 -1.66
C ALA A 213 -2.56 -8.78 -0.62
N ASP A 214 -2.61 -10.05 -1.02
CA ASP A 214 -2.23 -11.18 -0.16
C ASP A 214 -0.77 -11.50 -0.44
N ARG A 215 0.13 -10.88 0.34
CA ARG A 215 1.54 -10.86 -0.03
C ARG A 215 2.26 -12.22 -0.07
N GLU A 216 1.94 -13.12 0.86
CA GLU A 216 2.61 -14.44 0.90
C GLU A 216 2.12 -15.42 -0.17
N ASN A 217 0.88 -15.24 -0.61
CA ASN A 217 0.29 -16.08 -1.64
C ASN A 217 0.58 -15.58 -3.07
N GLY A 218 1.08 -14.35 -3.15
CA GLY A 218 1.37 -13.70 -4.44
C GLY A 218 0.13 -13.47 -5.27
N ARG A 219 -0.92 -12.93 -4.65
CA ARG A 219 -2.21 -12.76 -5.31
C ARG A 219 -3.05 -11.63 -4.74
N ILE A 220 -4.07 -11.24 -5.51
CA ILE A 220 -5.01 -10.22 -5.10
C ILE A 220 -6.40 -10.85 -4.97
N GLN A 221 -7.09 -10.54 -3.87
CA GLN A 221 -8.47 -10.98 -3.66
C GLN A 221 -9.43 -9.80 -3.61
N CYS A 222 -10.52 -9.91 -4.37
CA CYS A 222 -11.56 -8.88 -4.40
C CYS A 222 -12.85 -9.38 -3.76
N PHE A 223 -13.44 -8.51 -2.94
CA PHE A 223 -14.65 -8.85 -2.20
C PHE A 223 -15.69 -7.77 -2.40
N LYS A 224 -16.97 -8.16 -2.35
CA LYS A 224 -18.08 -7.24 -2.39
C LYS A 224 -18.14 -6.54 -1.01
N THR A 225 -18.26 -5.22 -1.03
CA THR A 225 -18.03 -4.42 0.18
C THR A 225 -19.17 -4.50 1.21
N ASP A 226 -20.38 -4.76 0.74
CA ASP A 226 -21.54 -4.84 1.62
C ASP A 226 -21.77 -6.25 2.15
N THR A 227 -21.67 -7.24 1.27
CA THR A 227 -21.97 -8.63 1.61
C THR A 227 -20.74 -9.42 2.08
N LYS A 228 -19.55 -8.93 1.72
CA LYS A 228 -18.27 -9.60 2.02
C LYS A 228 -18.01 -10.82 1.14
N GLU A 229 -18.84 -11.01 0.12
CA GLU A 229 -18.73 -12.15 -0.79
C GLU A 229 -17.49 -12.04 -1.67
N PHE A 230 -16.78 -13.16 -1.80
CA PHE A 230 -15.63 -13.28 -2.68
C PHE A 230 -16.06 -13.07 -4.13
N VAL A 231 -15.57 -11.98 -4.71
CA VAL A 231 -15.86 -11.65 -6.10
C VAL A 231 -14.90 -12.38 -7.05
N ARG A 232 -13.60 -12.31 -6.75
CA ARG A 232 -12.59 -12.59 -7.76
C ARG A 232 -11.17 -12.77 -7.18
N GLU A 233 -10.36 -13.55 -7.89
CA GLU A 233 -8.94 -13.72 -7.57
C GLU A 233 -8.05 -13.34 -8.76
N ILE A 234 -7.03 -12.52 -8.51
CA ILE A 234 -6.03 -12.21 -9.54
C ILE A 234 -4.67 -12.80 -9.16
N LYS A 235 -4.17 -13.71 -9.99
CA LYS A 235 -2.88 -14.35 -9.76
C LYS A 235 -2.16 -14.49 -11.09
N HIS A 236 -0.92 -14.03 -11.14
CA HIS A 236 -0.10 -14.18 -12.33
C HIS A 236 1.28 -14.73 -12.01
N ALA A 237 1.81 -15.54 -12.94
CA ALA A 237 3.15 -16.10 -12.84
C ALA A 237 4.23 -15.02 -12.74
N SER A 238 3.92 -13.82 -13.26
CA SER A 238 4.83 -12.67 -13.27
C SER A 238 5.04 -12.05 -11.89
N PHE A 239 4.03 -12.19 -11.02
CA PHE A 239 4.10 -11.66 -9.66
C PHE A 239 5.23 -12.34 -8.91
N GLY A 240 5.37 -13.64 -9.13
CA GLY A 240 6.25 -14.46 -8.33
C GLY A 240 5.60 -14.66 -6.98
N ARG A 241 6.42 -14.65 -5.93
CA ARG A 241 5.99 -15.02 -4.59
C ARG A 241 5.10 -13.99 -3.89
N ASN A 242 5.28 -12.71 -4.22
CA ASN A 242 4.60 -11.64 -3.48
C ASN A 242 3.80 -10.62 -4.31
N VAL A 243 2.77 -10.07 -3.68
CA VAL A 243 2.13 -8.83 -4.11
C VAL A 243 2.17 -7.95 -2.87
N PHE A 244 2.91 -6.86 -2.95
CA PHE A 244 3.09 -6.01 -1.78
C PHE A 244 1.98 -5.00 -1.61
N ALA A 245 1.60 -4.35 -2.71
CA ALA A 245 0.66 -3.24 -2.68
C ALA A 245 -0.09 -3.15 -3.98
N ILE A 246 -1.30 -2.59 -3.92
CA ILE A 246 -2.16 -2.36 -5.07
C ILE A 246 -2.82 -0.99 -4.97
N SER A 247 -3.21 -0.44 -6.11
CA SER A 247 -3.92 0.83 -6.18
C SER A 247 -4.88 0.77 -7.38
N TYR A 248 -6.08 1.32 -7.21
CA TYR A 248 -7.09 1.33 -8.25
C TYR A 248 -7.35 2.74 -8.78
N ILE A 249 -7.51 2.85 -10.09
CA ILE A 249 -8.19 3.99 -10.73
C ILE A 249 -9.08 3.37 -11.76
N PRO A 250 -10.21 4.02 -12.11
CA PRO A 250 -11.09 3.39 -13.10
C PRO A 250 -10.31 2.91 -14.34
N GLY A 251 -10.59 1.67 -14.75
CA GLY A 251 -9.88 1.03 -15.84
C GLY A 251 -8.67 0.19 -15.44
N PHE A 252 -8.02 0.55 -14.33
CA PHE A 252 -6.72 -0.05 -13.98
C PHE A 252 -6.54 -0.49 -12.54
N LEU A 253 -5.89 -1.65 -12.37
CA LEU A 253 -5.29 -2.01 -11.10
C LEU A 253 -3.77 -1.91 -11.24
N PHE A 254 -3.13 -1.17 -10.34
CA PHE A 254 -1.67 -1.13 -10.27
C PHE A 254 -1.18 -1.99 -9.09
N ALA A 255 -0.02 -2.64 -9.26
CA ALA A 255 0.55 -3.48 -8.21
C ALA A 255 2.07 -3.42 -8.19
N VAL A 256 2.65 -3.64 -7.02
CA VAL A 256 4.08 -3.98 -6.90
C VAL A 256 4.26 -5.38 -6.29
N ASN A 257 5.23 -6.13 -6.79
CA ASN A 257 5.55 -7.45 -6.26
C ASN A 257 6.75 -7.40 -5.30
N GLY A 258 7.32 -8.56 -4.99
CA GLY A 258 8.49 -8.63 -4.12
C GLY A 258 9.78 -8.93 -4.86
N LYS A 259 10.90 -8.62 -4.20
CA LYS A 259 12.23 -8.92 -4.71
C LYS A 259 12.37 -10.43 -4.91
N PRO A 260 12.99 -10.85 -6.04
CA PRO A 260 13.25 -12.27 -6.27
C PRO A 260 14.32 -12.85 -5.33
N TYR A 261 14.13 -14.11 -4.96
CA TYR A 261 15.16 -14.88 -4.27
C TYR A 261 16.22 -15.23 -5.31
N PHE A 262 17.41 -15.66 -4.87
CA PHE A 262 18.40 -16.16 -5.82
C PHE A 262 17.77 -17.31 -6.63
N GLY A 263 17.98 -17.28 -7.95
CA GLY A 263 17.46 -18.31 -8.84
C GLY A 263 16.08 -18.02 -9.42
N ASP A 264 15.34 -17.11 -8.78
CA ASP A 264 13.99 -16.74 -9.23
C ASP A 264 14.01 -16.05 -10.60
N GLN A 265 12.99 -16.33 -11.40
CA GLN A 265 12.89 -15.79 -12.76
C GLN A 265 12.17 -14.44 -12.81
N GLU A 266 11.44 -14.09 -11.75
CA GLU A 266 10.56 -12.93 -11.75
C GLU A 266 11.11 -11.70 -11.02
N PRO A 267 11.57 -10.68 -11.78
CA PRO A 267 12.11 -9.45 -11.21
C PRO A 267 11.10 -8.61 -10.43
N VAL A 268 11.59 -7.66 -9.63
CA VAL A 268 10.75 -6.72 -8.91
C VAL A 268 10.29 -5.65 -9.90
N GLN A 269 8.98 -5.39 -9.91
CA GLN A 269 8.40 -4.49 -10.89
C GLN A 269 7.09 -3.89 -10.41
N GLY A 270 6.72 -2.77 -11.01
CA GLY A 270 5.36 -2.29 -10.99
C GLY A 270 4.57 -3.03 -12.07
N PHE A 271 3.28 -3.21 -11.84
CA PHE A 271 2.41 -3.90 -12.79
C PHE A 271 1.22 -3.02 -13.07
N VAL A 272 0.81 -2.97 -14.33
CA VAL A 272 -0.47 -2.34 -14.69
C VAL A 272 -1.38 -3.44 -15.24
N MET A 273 -2.55 -3.58 -14.63
CA MET A 273 -3.55 -4.52 -15.12
C MET A 273 -4.81 -3.80 -15.61
N ASN A 274 -5.40 -4.33 -16.68
CA ASN A 274 -6.77 -3.99 -17.07
C ASN A 274 -7.65 -4.49 -15.93
N PHE A 275 -8.43 -3.59 -15.34
CA PHE A 275 -9.21 -3.96 -14.15
C PHE A 275 -10.26 -5.05 -14.38
N SER A 276 -10.94 -5.01 -15.53
CA SER A 276 -11.98 -6.02 -15.85
C SER A 276 -11.42 -7.42 -16.02
N SER A 277 -10.48 -7.58 -16.95
CA SER A 277 -9.92 -8.87 -17.29
C SER A 277 -8.91 -9.33 -16.24
N GLY A 278 -8.34 -8.36 -15.54
CA GLY A 278 -7.30 -8.61 -14.53
C GLY A 278 -5.94 -8.91 -15.12
N GLU A 279 -5.81 -8.80 -16.44
CA GLU A 279 -4.59 -9.18 -17.13
C GLU A 279 -3.54 -8.08 -17.07
N ILE A 280 -2.29 -8.49 -16.93
CA ILE A 280 -1.16 -7.57 -16.93
C ILE A 280 -0.96 -7.04 -18.34
N ILE A 281 -1.04 -5.72 -18.47
CA ILE A 281 -0.82 -5.08 -19.77
C ILE A 281 0.52 -4.35 -19.83
N ASP A 282 1.10 -4.07 -18.66
CA ASP A 282 2.36 -3.34 -18.61
C ASP A 282 3.16 -3.66 -17.35
N VAL A 283 4.47 -3.56 -17.52
CA VAL A 283 5.45 -3.82 -16.49
C VAL A 283 6.43 -2.65 -16.51
N PHE A 284 6.83 -2.14 -15.33
CA PHE A 284 7.70 -0.98 -15.26
C PHE A 284 8.63 -0.96 -14.05
N LYS A 285 9.71 -0.18 -14.16
CA LYS A 285 10.64 0.09 -13.06
C LYS A 285 11.27 1.48 -13.24
N PRO A 286 11.89 2.03 -12.17
CA PRO A 286 12.45 3.38 -12.31
C PRO A 286 13.70 3.44 -13.18
N VAL A 287 14.06 4.65 -13.60
CA VAL A 287 15.33 4.89 -14.28
C VAL A 287 16.37 5.30 -13.25
N ARG A 288 15.94 6.13 -12.29
CA ARG A 288 16.82 6.60 -11.23
C ARG A 288 16.71 5.67 -10.02
N LYS A 289 17.87 5.31 -9.48
CA LYS A 289 17.96 4.37 -8.35
C LYS A 289 17.33 3.03 -8.74
N HIS A 290 16.79 2.30 -7.77
CA HIS A 290 16.26 0.95 -8.06
C HIS A 290 15.29 0.48 -6.99
N PHE A 291 14.33 -0.35 -7.40
CA PHE A 291 13.45 -1.09 -6.49
C PHE A 291 14.27 -2.09 -5.67
N ASP A 292 13.92 -2.21 -4.38
CA ASP A 292 14.45 -3.29 -3.54
C ASP A 292 13.25 -3.88 -2.81
N MET A 293 12.56 -3.06 -2.03
CA MET A 293 11.25 -3.42 -1.50
C MET A 293 10.25 -2.29 -1.80
N PRO A 294 9.77 -2.21 -3.05
CA PRO A 294 8.66 -1.28 -3.28
C PRO A 294 7.51 -1.77 -2.41
N HIS A 295 6.95 -0.87 -1.62
CA HIS A 295 6.13 -1.27 -0.48
C HIS A 295 4.69 -0.77 -0.55
N ASP A 296 4.51 0.39 -1.18
CA ASP A 296 3.20 0.97 -1.42
C ASP A 296 3.20 1.69 -2.74
N ILE A 297 2.00 1.80 -3.32
CA ILE A 297 1.76 2.39 -4.61
C ILE A 297 0.42 3.14 -4.55
N VAL A 298 0.37 4.31 -5.18
CA VAL A 298 -0.88 5.06 -5.33
C VAL A 298 -0.96 5.66 -6.73
N ALA A 299 -2.12 5.48 -7.37
CA ALA A 299 -2.35 6.01 -8.71
C ALA A 299 -3.43 7.08 -8.70
N SER A 300 -3.27 8.07 -9.57
CA SER A 300 -4.25 9.13 -9.75
C SER A 300 -4.96 8.97 -11.09
N GLU A 301 -6.18 9.53 -11.16
N GLU A 301 -6.17 9.52 -11.17
CA GLU A 301 -7.00 9.52 -12.37
CA GLU A 301 -7.00 9.51 -12.38
C GLU A 301 -6.33 10.32 -13.49
C GLU A 301 -6.34 10.34 -13.49
N ASP A 302 -5.49 11.29 -13.10
CA ASP A 302 -4.71 12.07 -14.07
C ASP A 302 -3.57 11.26 -14.71
N GLY A 303 -3.40 10.00 -14.30
CA GLY A 303 -2.38 9.12 -14.88
C GLY A 303 -1.06 9.04 -14.10
N THR A 304 -0.95 9.82 -13.01
CA THR A 304 0.24 9.79 -12.16
C THR A 304 0.23 8.56 -11.24
N VAL A 305 1.40 7.98 -11.03
CA VAL A 305 1.59 6.82 -10.16
C VAL A 305 2.81 7.09 -9.28
N TYR A 306 2.67 6.90 -7.97
CA TYR A 306 3.79 7.06 -7.04
C TYR A 306 4.07 5.74 -6.34
N ILE A 307 5.35 5.46 -6.11
CA ILE A 307 5.77 4.26 -5.37
C ILE A 307 6.83 4.60 -4.33
N GLY A 308 6.67 4.04 -3.13
CA GLY A 308 7.64 4.22 -2.06
C GLY A 308 8.32 2.91 -1.73
N ASP A 309 9.64 2.96 -1.49
CA ASP A 309 10.43 1.76 -1.20
C ASP A 309 10.81 1.71 0.29
N ALA A 310 10.60 0.55 0.92
CA ALA A 310 10.96 0.37 2.33
C ALA A 310 12.42 -0.07 2.59
N HIS A 311 13.19 -0.31 1.53
CA HIS A 311 14.60 -0.65 1.69
C HIS A 311 15.55 0.40 1.14
N THR A 312 15.25 0.92 -0.05
CA THR A 312 16.09 1.98 -0.61
C THR A 312 15.59 3.37 -0.24
N ASN A 313 14.57 3.42 0.63
CA ASN A 313 14.12 4.67 1.25
C ASN A 313 13.84 5.78 0.23
N THR A 314 13.15 5.42 -0.85
CA THR A 314 12.94 6.31 -2.00
C THR A 314 11.48 6.31 -2.42
N VAL A 315 11.04 7.42 -2.99
CA VAL A 315 9.73 7.51 -3.65
C VAL A 315 9.96 7.96 -5.09
N TRP A 316 9.26 7.34 -6.03
CA TRP A 316 9.34 7.75 -7.43
C TRP A 316 7.99 8.22 -7.95
N LYS A 317 8.00 9.16 -8.88
CA LYS A 317 6.82 9.53 -9.65
C LYS A 317 6.89 8.92 -11.06
N PHE A 318 5.79 8.30 -11.50
CA PHE A 318 5.64 7.71 -12.83
C PHE A 318 4.40 8.27 -13.52
N THR A 319 4.35 8.09 -14.83
CA THR A 319 3.20 8.52 -15.64
C THR A 319 2.76 7.40 -16.60
N LEU A 320 1.48 7.06 -16.49
CA LEU A 320 0.79 6.15 -17.42
C LEU A 320 0.45 6.90 -18.68
N THR A 321 0.79 6.31 -19.82
CA THR A 321 0.55 6.90 -21.13
C THR A 321 0.15 5.80 -22.14
N GLU A 322 -0.55 6.20 -23.20
CA GLU A 322 -0.75 5.32 -24.34
C GLU A 322 -0.13 5.99 -25.58
N LYS A 323 0.80 5.29 -26.22
CA LYS A 323 1.47 5.84 -27.40
C LYS A 323 1.26 4.96 -28.62
N MET A 324 1.12 5.61 -29.78
CA MET A 324 0.99 4.92 -31.06
C MET A 324 2.17 3.99 -31.31
N GLU A 325 3.37 4.48 -31.05
CA GLU A 325 4.57 3.66 -31.17
C GLU A 325 5.31 3.54 -29.85
N HIS A 326 5.77 2.32 -29.55
N HIS A 326 5.72 2.31 -29.55
CA HIS A 326 6.49 2.06 -28.31
CA HIS A 326 6.03 1.88 -28.19
C HIS A 326 7.94 2.52 -28.41
C HIS A 326 7.34 2.39 -27.61
N ARG A 327 8.27 3.56 -27.67
N ARG A 327 7.22 3.29 -26.64
CA ARG A 327 9.63 4.13 -27.68
CA ARG A 327 8.32 3.57 -25.73
C ARG A 327 10.68 3.04 -27.49
C ARG A 327 8.13 2.53 -24.63
N SER A 328 10.42 2.12 -26.55
N SER A 328 6.97 1.89 -24.66
CA SER A 328 11.34 1.02 -26.28
CA SER A 328 6.62 0.83 -23.72
C SER A 328 10.96 -0.25 -27.05
C SER A 328 7.43 -0.43 -24.03
N VAL A 329 11.62 -1.35 -26.71
N VAL A 329 7.72 -0.62 -25.31
CA VAL A 329 11.36 -2.64 -27.35
CA VAL A 329 8.47 -1.79 -25.78
C VAL A 329 11.12 -2.46 -28.85
C VAL A 329 7.77 -2.44 -26.98
#